data_5ZHR
#
_entry.id   5ZHR
#
_cell.length_a   48.250
_cell.length_b   88.640
_cell.length_c   119.380
_cell.angle_alpha   90.00
_cell.angle_beta   90.00
_cell.angle_gamma   90.00
#
_symmetry.space_group_name_H-M   'P 21 21 21'
#
loop_
_entity.id
_entity.type
_entity.pdbx_description
1 polymer 'Strigolactone esterase D14'
2 non-polymer (2,3-dihydro-1H-indol-1-yl)(1H-1,2,3-triazol-1-yl)methanone
3 water water
#
_entity_poly.entity_id   1
_entity_poly.type   'polypeptide(L)'
_entity_poly.pdbx_seq_one_letter_code
;GPGYQDPNSAKLLQILNVRVVGSGERVVVLSHGFGTDQSAWSRVLPYLTRDHRVVLYDLVCAGSVNPDHFDFRRYDNLDA
YVDDLLAILDALRIPRCAFVGHSVSAMIGILASIRRPDLFAKLVLIGASPRFLNDSDYHGGFELEEIQQVFDAMGANYSA
WATGYAPLAVGADVPAAVQEFSRTLFNMRPDISLHVCQTVFKTDLRGVLGMVRAPCVVVQTTRDVSVPASVAAYLKAHLG
GRTTVEFLQTEGHLPHLSAPSLLAQVLRRALARY
;
_entity_poly.pdbx_strand_id   A,B
#
# COMPACT_ATOMS: atom_id res chain seq x y z
N ALA A 10 -17.03 4.01 -13.66
CA ALA A 10 -16.25 3.33 -14.71
C ALA A 10 -14.77 3.29 -14.34
N LYS A 11 -14.21 4.45 -14.04
CA LYS A 11 -12.82 4.54 -13.60
C LYS A 11 -12.66 3.85 -12.25
N LEU A 12 -13.70 3.99 -11.42
CA LEU A 12 -13.74 3.36 -10.11
C LEU A 12 -13.70 1.86 -10.20
N LEU A 13 -14.26 1.29 -11.26
CA LEU A 13 -14.30 -0.15 -11.38
C LEU A 13 -12.87 -0.70 -11.37
N GLN A 14 -11.96 0.01 -12.03
CA GLN A 14 -10.56 -0.39 -12.02
C GLN A 14 -9.85 -0.02 -10.71
N ILE A 15 -10.03 1.22 -10.28
CA ILE A 15 -9.30 1.76 -9.14
C ILE A 15 -9.61 1.02 -7.84
N LEU A 16 -10.88 0.65 -7.68
CA LEU A 16 -11.31 -0.05 -6.46
C LEU A 16 -11.41 -1.56 -6.66
N ASN A 17 -10.77 -2.06 -7.72
CA ASN A 17 -10.61 -3.50 -7.91
C ASN A 17 -11.94 -4.26 -7.89
N VAL A 18 -12.92 -3.75 -8.62
CA VAL A 18 -14.26 -4.33 -8.60
C VAL A 18 -14.26 -5.66 -9.35
N ARG A 19 -14.84 -6.68 -8.71
CA ARG A 19 -14.97 -7.99 -9.31
C ARG A 19 -16.40 -8.47 -9.18
N VAL A 20 -16.91 -9.08 -10.25
CA VAL A 20 -18.24 -9.67 -10.21
C VAL A 20 -18.08 -11.16 -10.49
N VAL A 21 -18.50 -11.97 -9.55
CA VAL A 21 -18.39 -13.42 -9.68
C VAL A 21 -19.72 -14.09 -9.38
N GLY A 22 -19.84 -15.37 -9.73
CA GLY A 22 -21.10 -16.07 -9.58
C GLY A 22 -22.15 -15.65 -10.59
N SER A 23 -23.39 -16.03 -10.32
CA SER A 23 -24.51 -15.67 -11.18
C SER A 23 -25.83 -15.83 -10.44
N GLY A 24 -26.83 -15.09 -10.89
CA GLY A 24 -28.15 -15.17 -10.30
C GLY A 24 -28.88 -13.87 -10.43
N GLU A 25 -30.19 -13.93 -10.23
CA GLU A 25 -31.01 -12.73 -10.17
C GLU A 25 -30.87 -12.02 -8.81
N ARG A 26 -30.42 -12.77 -7.80
CA ARG A 26 -30.14 -12.21 -6.47
C ARG A 26 -28.71 -11.70 -6.45
N VAL A 27 -28.56 -10.38 -6.44
CA VAL A 27 -27.26 -9.76 -6.43
C VAL A 27 -26.85 -9.43 -5.00
N VAL A 28 -25.61 -9.73 -4.66
CA VAL A 28 -25.06 -9.47 -3.32
C VAL A 28 -23.78 -8.65 -3.43
N VAL A 29 -23.68 -7.56 -2.68
CA VAL A 29 -22.44 -6.80 -2.56
C VAL A 29 -21.75 -7.11 -1.23
N LEU A 30 -20.46 -7.42 -1.28
CA LEU A 30 -19.67 -7.65 -0.06
C LEU A 30 -18.71 -6.48 0.11
N SER A 31 -18.78 -5.83 1.26
CA SER A 31 -18.04 -4.59 1.50
C SER A 31 -17.27 -4.73 2.81
N HIS A 32 -15.93 -4.64 2.75
CA HIS A 32 -15.07 -4.98 3.88
C HIS A 32 -14.86 -3.82 4.88
N GLY A 33 -14.23 -4.14 6.00
CA GLY A 33 -13.99 -3.20 7.07
C GLY A 33 -12.58 -2.63 7.10
N PHE A 34 -12.29 -1.88 8.15
CA PHE A 34 -10.97 -1.26 8.28
C PHE A 34 -9.87 -2.29 8.48
N GLY A 35 -8.80 -2.17 7.69
CA GLY A 35 -7.64 -3.03 7.88
C GLY A 35 -7.64 -4.29 7.07
N THR A 36 -8.70 -4.52 6.31
CA THR A 36 -8.83 -5.65 5.37
C THR A 36 -9.04 -5.12 3.95
N ASP A 37 -9.12 -6.03 2.98
CA ASP A 37 -9.62 -5.69 1.66
C ASP A 37 -10.61 -6.78 1.27
N GLN A 38 -11.03 -6.84 0.00
CA GLN A 38 -12.04 -7.82 -0.37
C GLN A 38 -11.61 -9.26 -0.21
N SER A 39 -10.31 -9.51 -0.08
CA SER A 39 -9.84 -10.87 0.13
C SER A 39 -10.33 -11.45 1.47
N ALA A 40 -10.77 -10.58 2.39
CA ALA A 40 -11.30 -11.06 3.67
C ALA A 40 -12.53 -11.94 3.46
N TRP A 41 -13.21 -11.75 2.33
CA TRP A 41 -14.41 -12.55 2.01
C TRP A 41 -14.10 -13.89 1.36
N SER A 42 -12.82 -14.21 1.15
CA SER A 42 -12.47 -15.36 0.30
C SER A 42 -13.03 -16.69 0.80
N ARG A 43 -13.12 -16.87 2.10
CA ARG A 43 -13.55 -18.17 2.63
C ARG A 43 -15.07 -18.29 2.66
N VAL A 44 -15.80 -17.20 2.80
CA VAL A 44 -17.24 -17.34 2.69
C VAL A 44 -17.74 -17.29 1.24
N LEU A 45 -16.96 -16.69 0.33
CA LEU A 45 -17.42 -16.51 -1.05
C LEU A 45 -17.96 -17.79 -1.75
N PRO A 46 -17.27 -18.95 -1.62
CA PRO A 46 -17.76 -20.14 -2.32
C PRO A 46 -19.15 -20.60 -1.86
N TYR A 47 -19.57 -20.18 -0.68
CA TYR A 47 -20.90 -20.52 -0.20
C TYR A 47 -22.00 -19.69 -0.83
N LEU A 48 -21.62 -18.66 -1.59
CA LEU A 48 -22.58 -17.71 -2.15
C LEU A 48 -22.67 -17.73 -3.68
N THR A 49 -21.61 -18.12 -4.37
CA THR A 49 -21.56 -17.83 -5.80
C THR A 49 -22.33 -18.79 -6.73
N ARG A 50 -22.74 -19.95 -6.22
CA ARG A 50 -23.58 -20.82 -7.03
C ARG A 50 -24.99 -20.24 -7.13
N ASP A 51 -25.34 -19.44 -6.13
CA ASP A 51 -26.70 -18.96 -5.87
C ASP A 51 -26.90 -17.48 -6.18
N HIS A 52 -25.80 -16.74 -6.24
CA HIS A 52 -25.87 -15.27 -6.29
C HIS A 52 -24.84 -14.73 -7.24
N ARG A 53 -25.15 -13.60 -7.88
CA ARG A 53 -24.15 -12.74 -8.49
C ARG A 53 -23.55 -11.89 -7.36
N VAL A 54 -22.24 -12.03 -7.15
CA VAL A 54 -21.56 -11.34 -6.05
C VAL A 54 -20.62 -10.26 -6.55
N VAL A 55 -20.80 -9.06 -6.03
CA VAL A 55 -19.96 -7.91 -6.34
C VAL A 55 -19.02 -7.67 -5.18
N LEU A 56 -17.72 -7.71 -5.45
CA LEU A 56 -16.71 -7.37 -4.45
C LEU A 56 -15.97 -6.12 -4.89
N TYR A 57 -15.55 -5.29 -3.92
CA TYR A 57 -14.71 -4.13 -4.25
C TYR A 57 -13.87 -3.80 -3.02
N ASP A 58 -12.82 -3.01 -3.22
CA ASP A 58 -12.00 -2.51 -2.12
C ASP A 58 -12.41 -1.07 -1.80
N LEU A 59 -12.55 -0.77 -0.51
CA LEU A 59 -12.63 0.63 -0.10
C LEU A 59 -11.40 1.39 -0.55
N VAL A 60 -11.55 2.69 -0.85
CA VAL A 60 -10.41 3.47 -1.32
C VAL A 60 -9.23 3.48 -0.33
N CYS A 61 -9.49 3.24 0.96
CA CYS A 61 -8.41 3.20 1.95
C CYS A 61 -7.69 1.86 2.06
N ALA A 62 -8.15 0.82 1.36
CA ALA A 62 -7.48 -0.46 1.44
C ALA A 62 -6.05 -0.41 0.89
N GLY A 63 -5.14 -1.17 1.51
CA GLY A 63 -3.75 -1.22 1.06
C GLY A 63 -3.59 -1.78 -0.34
N SER A 64 -4.61 -2.50 -0.82
CA SER A 64 -4.63 -3.08 -2.16
C SER A 64 -5.04 -2.05 -3.24
N VAL A 65 -5.40 -0.85 -2.81
CA VAL A 65 -5.69 0.26 -3.72
C VAL A 65 -4.49 1.18 -3.73
N ASN A 66 -4.16 1.72 -4.90
CA ASN A 66 -3.06 2.68 -4.96
C ASN A 66 -3.35 3.86 -4.01
N PRO A 67 -2.46 4.11 -3.03
CA PRO A 67 -2.82 5.11 -2.01
C PRO A 67 -2.81 6.53 -2.53
N ASP A 68 -2.28 6.73 -3.72
CA ASP A 68 -2.29 8.09 -4.23
C ASP A 68 -3.68 8.48 -4.76
N HIS A 69 -4.65 7.55 -4.76
CA HIS A 69 -6.06 7.89 -4.99
C HIS A 69 -6.79 8.42 -3.76
N PHE A 70 -6.16 8.31 -2.60
CA PHE A 70 -6.86 8.70 -1.37
C PHE A 70 -6.82 10.21 -1.19
N ASP A 71 -7.94 10.84 -1.51
CA ASP A 71 -8.11 12.29 -1.36
C ASP A 71 -8.54 12.62 0.07
N PHE A 72 -7.61 13.11 0.90
CA PHE A 72 -7.90 13.32 2.32
C PHE A 72 -9.03 14.30 2.54
N ARG A 73 -9.13 15.29 1.66
CA ARG A 73 -10.19 16.29 1.72
C ARG A 73 -11.56 15.67 1.48
N ARG A 74 -11.65 14.82 0.47
CA ARG A 74 -12.92 14.24 0.05
C ARG A 74 -13.43 13.20 1.05
N TYR A 75 -12.53 12.34 1.52
CA TYR A 75 -12.92 11.23 2.37
C TYR A 75 -12.93 11.58 3.86
N ASP A 76 -13.19 12.86 4.10
CA ASP A 76 -13.41 13.50 5.39
C ASP A 76 -14.63 12.95 6.12
N ASN A 77 -15.56 12.38 5.36
CA ASN A 77 -16.71 11.76 5.99
C ASN A 77 -17.18 10.61 5.15
N LEU A 78 -18.07 9.81 5.73
CA LEU A 78 -18.45 8.55 5.10
C LEU A 78 -19.32 8.75 3.87
N ASP A 79 -19.93 9.93 3.70
CA ASP A 79 -20.73 10.18 2.49
C ASP A 79 -19.90 9.95 1.22
N ALA A 80 -18.61 10.26 1.26
CA ALA A 80 -17.76 10.08 0.08
C ALA A 80 -17.56 8.59 -0.23
N TYR A 81 -17.49 7.76 0.81
CA TYR A 81 -17.41 6.33 0.59
C TYR A 81 -18.73 5.79 0.03
N VAL A 82 -19.84 6.33 0.53
CA VAL A 82 -21.14 5.99 -0.04
C VAL A 82 -21.21 6.36 -1.52
N ASP A 83 -20.68 7.55 -1.87
CA ASP A 83 -20.66 7.93 -3.28
C ASP A 83 -19.97 6.89 -4.15
N ASP A 84 -18.82 6.38 -3.69
CA ASP A 84 -18.09 5.36 -4.45
C ASP A 84 -18.93 4.12 -4.67
N LEU A 85 -19.56 3.63 -3.60
CA LEU A 85 -20.39 2.44 -3.68
C LEU A 85 -21.52 2.60 -4.67
N LEU A 86 -22.22 3.74 -4.58
CA LEU A 86 -23.35 4.01 -5.49
C LEU A 86 -22.86 4.12 -6.93
N ALA A 87 -21.72 4.75 -7.12
CA ALA A 87 -21.17 4.88 -8.48
C ALA A 87 -20.80 3.53 -9.08
N ILE A 88 -20.24 2.61 -8.28
CA ILE A 88 -19.93 1.26 -8.73
C ILE A 88 -21.21 0.54 -9.16
N LEU A 89 -22.23 0.56 -8.32
CA LEU A 89 -23.46 -0.16 -8.67
C LEU A 89 -24.20 0.45 -9.86
N ASP A 90 -24.18 1.78 -9.97
CA ASP A 90 -24.77 2.43 -11.13
C ASP A 90 -23.97 2.10 -12.41
N ALA A 91 -22.65 2.08 -12.32
CA ALA A 91 -21.82 1.70 -13.47
C ALA A 91 -22.10 0.26 -13.92
N LEU A 92 -22.35 -0.64 -12.98
CA LEU A 92 -22.64 -2.05 -13.30
C LEU A 92 -24.09 -2.26 -13.74
N ARG A 93 -24.87 -1.19 -13.77
CA ARG A 93 -26.29 -1.22 -14.12
C ARG A 93 -27.11 -2.13 -13.21
N ILE A 94 -26.76 -2.19 -11.93
CA ILE A 94 -27.51 -3.02 -10.98
C ILE A 94 -28.61 -2.22 -10.31
N PRO A 95 -29.87 -2.61 -10.50
CA PRO A 95 -30.95 -1.80 -9.91
C PRO A 95 -31.36 -2.22 -8.50
N ARG A 96 -30.93 -3.41 -8.06
CA ARG A 96 -31.41 -3.95 -6.79
C ARG A 96 -30.41 -4.97 -6.27
N CYS A 97 -30.05 -4.89 -5.00
CA CYS A 97 -29.10 -5.83 -4.42
C CYS A 97 -29.29 -5.95 -2.93
N ALA A 98 -28.72 -7.02 -2.39
CA ALA A 98 -28.46 -7.12 -0.95
C ALA A 98 -27.03 -6.68 -0.70
N PHE A 99 -26.78 -6.10 0.49
CA PHE A 99 -25.49 -5.55 0.82
C PHE A 99 -25.03 -6.10 2.16
N VAL A 100 -23.84 -6.67 2.17
CA VAL A 100 -23.20 -7.18 3.40
C VAL A 100 -22.04 -6.28 3.73
N GLY A 101 -22.10 -5.63 4.89
CA GLY A 101 -21.07 -4.70 5.28
C GLY A 101 -20.47 -5.00 6.63
N HIS A 102 -19.14 -5.04 6.67
CA HIS A 102 -18.38 -5.22 7.91
C HIS A 102 -17.87 -3.90 8.46
N SER A 103 -18.14 -3.64 9.75
CA SER A 103 -17.53 -2.52 10.49
C SER A 103 -17.85 -1.17 9.80
N VAL A 104 -16.86 -0.40 9.35
CA VAL A 104 -17.16 0.88 8.67
C VAL A 104 -18.10 0.65 7.47
N SER A 105 -18.02 -0.51 6.82
CA SER A 105 -18.92 -0.76 5.69
C SER A 105 -20.36 -1.01 6.14
N ALA A 106 -20.59 -1.39 7.39
CA ALA A 106 -21.98 -1.42 7.90
C ALA A 106 -22.52 0.01 7.95
N MET A 107 -21.72 0.96 8.39
CA MET A 107 -22.11 2.36 8.38
C MET A 107 -22.36 2.87 6.95
N ILE A 108 -21.47 2.52 6.02
CA ILE A 108 -21.64 2.89 4.62
C ILE A 108 -22.93 2.33 4.07
N GLY A 109 -23.24 1.08 4.41
CA GLY A 109 -24.46 0.44 3.92
C GLY A 109 -25.73 1.10 4.45
N ILE A 110 -25.72 1.45 5.74
CA ILE A 110 -26.86 2.15 6.32
C ILE A 110 -27.09 3.46 5.56
N LEU A 111 -26.04 4.25 5.39
CA LEU A 111 -26.16 5.53 4.69
C LEU A 111 -26.61 5.34 3.24
N ALA A 112 -26.07 4.34 2.58
CA ALA A 112 -26.39 4.13 1.17
C ALA A 112 -27.84 3.71 1.01
N SER A 113 -28.34 2.91 1.95
CA SER A 113 -29.72 2.42 1.89
C SER A 113 -30.73 3.57 2.09
N ILE A 114 -30.30 4.63 2.79
CA ILE A 114 -31.15 5.80 2.99
C ILE A 114 -31.11 6.68 1.73
N ARG A 115 -29.93 6.85 1.14
CA ARG A 115 -29.78 7.64 -0.09
C ARG A 115 -30.53 7.02 -1.24
N ARG A 116 -30.47 5.71 -1.34
CA ARG A 116 -31.04 4.99 -2.47
C ARG A 116 -31.82 3.77 -2.03
N PRO A 117 -33.02 3.94 -1.46
CA PRO A 117 -33.78 2.81 -0.94
C PRO A 117 -34.22 1.85 -2.03
N ASP A 118 -34.32 2.36 -3.25
CA ASP A 118 -34.64 1.55 -4.43
C ASP A 118 -33.60 0.46 -4.66
N LEU A 119 -32.36 0.75 -4.31
CA LEU A 119 -31.22 -0.09 -4.66
C LEU A 119 -30.93 -1.17 -3.63
N PHE A 120 -31.34 -0.95 -2.39
CA PHE A 120 -30.94 -1.86 -1.32
C PHE A 120 -32.12 -2.63 -0.77
N ALA A 121 -32.21 -3.88 -1.22
CA ALA A 121 -33.31 -4.75 -0.84
C ALA A 121 -33.16 -5.33 0.56
N LYS A 122 -31.92 -5.43 1.03
CA LYS A 122 -31.64 -6.05 2.34
C LYS A 122 -30.22 -5.71 2.75
N LEU A 123 -30.02 -5.51 4.05
CA LEU A 123 -28.67 -5.27 4.60
C LEU A 123 -28.31 -6.38 5.55
N VAL A 124 -27.05 -6.79 5.53
CA VAL A 124 -26.51 -7.69 6.55
C VAL A 124 -25.33 -6.97 7.16
N LEU A 125 -25.39 -6.73 8.48
CA LEU A 125 -24.41 -5.87 9.15
C LEU A 125 -23.56 -6.70 10.10
N ILE A 126 -22.24 -6.71 9.91
CA ILE A 126 -21.29 -7.53 10.68
C ILE A 126 -20.33 -6.58 11.39
N GLY A 127 -20.02 -6.86 12.65
CA GLY A 127 -19.13 -6.00 13.41
C GLY A 127 -19.61 -4.57 13.41
N ALA A 128 -20.93 -4.39 13.60
CA ALA A 128 -21.61 -3.13 13.28
C ALA A 128 -22.01 -2.30 14.48
N SER A 129 -21.88 -1.00 14.29
CA SER A 129 -22.29 -0.02 15.29
C SER A 129 -22.66 1.29 14.63
N PRO A 130 -23.64 2.03 15.19
CA PRO A 130 -23.94 3.37 14.69
C PRO A 130 -23.03 4.45 15.25
N ARG A 131 -22.26 4.12 16.28
CA ARG A 131 -21.43 5.10 16.98
C ARG A 131 -20.51 4.35 17.97
N PHE A 132 -19.20 4.52 17.77
CA PHE A 132 -18.23 3.81 18.61
C PHE A 132 -17.91 4.56 19.93
N LEU A 133 -18.01 5.88 19.94
CA LEU A 133 -17.78 6.61 21.18
C LEU A 133 -18.97 6.52 22.12
N ASN A 134 -18.69 6.42 23.43
CA ASN A 134 -19.74 6.50 24.42
C ASN A 134 -20.42 7.87 24.37
N ASP A 135 -21.65 7.92 24.86
CA ASP A 135 -22.36 9.19 25.02
C ASP A 135 -23.23 9.00 26.25
N SER A 136 -23.97 10.02 26.63
CA SER A 136 -24.90 9.90 27.74
C SER A 136 -25.92 8.81 27.44
N ASP A 137 -26.02 7.83 28.33
CA ASP A 137 -26.96 6.74 28.18
C ASP A 137 -26.73 5.96 26.88
N TYR A 138 -25.53 6.04 26.33
CA TYR A 138 -25.20 5.25 25.14
C TYR A 138 -23.81 4.62 25.29
N HIS A 139 -23.77 3.29 25.25
CA HIS A 139 -22.51 2.55 25.39
C HIS A 139 -21.97 2.15 24.03
N GLY A 140 -21.06 2.94 23.49
CA GLY A 140 -20.42 2.66 22.21
C GLY A 140 -19.18 1.78 22.35
N GLY A 141 -18.51 1.92 23.48
CA GLY A 141 -17.37 1.08 23.78
C GLY A 141 -16.04 1.81 23.90
N PHE A 142 -16.02 3.08 23.54
CA PHE A 142 -14.78 3.86 23.56
C PHE A 142 -14.95 5.22 24.22
N GLU A 143 -13.87 5.72 24.84
CA GLU A 143 -13.83 7.08 25.36
C GLU A 143 -12.86 7.95 24.55
N LEU A 144 -13.02 9.27 24.63
CA LEU A 144 -12.17 10.18 23.89
C LEU A 144 -10.67 10.04 24.19
N GLU A 145 -10.33 9.95 25.47
CA GLU A 145 -8.92 9.89 25.87
C GLU A 145 -8.27 8.62 25.34
N GLU A 146 -9.07 7.57 25.30
CA GLU A 146 -8.63 6.28 24.80
C GLU A 146 -8.28 6.35 23.32
N ILE A 147 -9.18 6.90 22.51
CA ILE A 147 -8.89 6.97 21.10
C ILE A 147 -7.77 7.98 20.81
N GLN A 148 -7.60 9.00 21.65
CA GLN A 148 -6.47 9.89 21.49
C GLN A 148 -5.13 9.14 21.58
N GLN A 149 -5.04 8.23 22.55
CA GLN A 149 -3.82 7.42 22.72
C GLN A 149 -3.62 6.48 21.53
N VAL A 150 -4.73 5.92 21.04
CA VAL A 150 -4.69 5.07 19.84
C VAL A 150 -4.11 5.84 18.66
N PHE A 151 -4.66 7.04 18.43
CA PHE A 151 -4.19 7.88 17.33
C PHE A 151 -2.71 8.17 17.49
N ASP A 152 -2.26 8.48 18.72
CA ASP A 152 -0.83 8.75 18.94
C ASP A 152 0.02 7.52 18.66
N ALA A 153 -0.43 6.35 19.11
CA ALA A 153 0.33 5.11 18.87
C ALA A 153 0.43 4.79 17.38
N MET A 154 -0.65 5.05 16.64
CA MET A 154 -0.65 4.82 15.19
C MET A 154 0.38 5.70 14.48
N GLY A 155 0.58 6.92 14.97
CA GLY A 155 1.60 7.80 14.41
C GLY A 155 3.01 7.48 14.88
N ALA A 156 3.14 7.18 16.18
CA ALA A 156 4.46 6.96 16.75
C ALA A 156 5.13 5.68 16.26
N ASN A 157 4.32 4.64 16.08
CA ASN A 157 4.84 3.34 15.69
C ASN A 157 3.70 2.50 15.14
N TYR A 158 3.34 2.76 13.88
CA TYR A 158 2.20 2.10 13.25
C TYR A 158 2.33 0.60 13.30
N SER A 159 3.51 0.09 12.99
CA SER A 159 3.68 -1.36 12.95
C SER A 159 3.46 -2.01 14.32
N ALA A 160 3.93 -1.39 15.39
CA ALA A 160 3.71 -1.97 16.71
C ALA A 160 2.23 -1.89 17.08
N TRP A 161 1.58 -0.79 16.70
CA TRP A 161 0.15 -0.66 16.98
C TRP A 161 -0.61 -1.79 16.27
N ALA A 162 -0.31 -2.01 14.99
CA ALA A 162 -1.05 -3.01 14.20
C ALA A 162 -0.80 -4.41 14.75
N THR A 163 0.42 -4.68 15.15
CA THR A 163 0.80 -5.96 15.73
C THR A 163 -0.02 -6.24 16.99
N GLY A 164 -0.23 -5.21 17.80
CA GLY A 164 -0.99 -5.38 19.03
C GLY A 164 -2.50 -5.45 18.81
N TYR A 165 -2.99 -4.72 17.81
CA TYR A 165 -4.42 -4.67 17.57
C TYR A 165 -4.96 -5.94 16.93
N ALA A 166 -4.22 -6.52 15.98
CA ALA A 166 -4.76 -7.64 15.22
C ALA A 166 -5.30 -8.80 16.09
N PRO A 167 -4.55 -9.26 17.11
CA PRO A 167 -5.15 -10.37 17.88
C PRO A 167 -6.35 -9.96 18.73
N LEU A 168 -6.41 -8.70 19.13
CA LEU A 168 -7.56 -8.24 19.89
C LEU A 168 -8.81 -8.19 19.02
N ALA A 169 -8.65 -7.73 17.79
CA ALA A 169 -9.78 -7.71 16.86
C ALA A 169 -10.25 -9.13 16.54
N VAL A 170 -9.34 -10.05 16.26
CA VAL A 170 -9.74 -11.42 15.94
C VAL A 170 -10.39 -12.06 17.16
N GLY A 171 -9.88 -11.76 18.34
CA GLY A 171 -10.53 -12.16 19.58
C GLY A 171 -10.21 -13.58 20.02
N ALA A 172 -10.78 -14.54 19.30
CA ALA A 172 -10.46 -15.94 19.49
C ALA A 172 -9.00 -16.19 19.15
N ASP A 173 -8.41 -17.21 19.76
CA ASP A 173 -7.05 -17.61 19.42
C ASP A 173 -7.03 -18.43 18.13
N VAL A 174 -7.00 -17.73 17.01
CA VAL A 174 -7.03 -18.35 15.67
C VAL A 174 -5.85 -17.75 14.92
N PRO A 175 -4.66 -18.36 15.07
CA PRO A 175 -3.44 -17.71 14.55
C PRO A 175 -3.50 -17.38 13.05
N ALA A 176 -4.09 -18.23 12.22
CA ALA A 176 -4.15 -17.91 10.78
C ALA A 176 -4.94 -16.64 10.51
N ALA A 177 -6.00 -16.41 11.28
CA ALA A 177 -6.80 -15.20 11.11
C ALA A 177 -6.04 -13.98 11.58
N VAL A 178 -5.27 -14.11 12.66
CA VAL A 178 -4.44 -13.01 13.14
C VAL A 178 -3.38 -12.65 12.08
N GLN A 179 -2.72 -13.68 11.53
CA GLN A 179 -1.72 -13.46 10.49
C GLN A 179 -2.33 -12.77 9.28
N GLU A 180 -3.51 -13.20 8.86
CA GLU A 180 -4.15 -12.63 7.69
C GLU A 180 -4.60 -11.19 7.92
N PHE A 181 -5.21 -10.90 9.06
CA PHE A 181 -5.64 -9.54 9.35
C PHE A 181 -4.42 -8.62 9.49
N SER A 182 -3.37 -9.11 10.14
CA SER A 182 -2.11 -8.36 10.24
C SER A 182 -1.55 -8.02 8.87
N ARG A 183 -1.58 -8.97 7.95
CA ARG A 183 -1.06 -8.77 6.60
C ARG A 183 -1.68 -7.54 5.97
N THR A 184 -2.99 -7.45 6.03
CA THR A 184 -3.64 -6.35 5.34
C THR A 184 -3.56 -5.04 6.16
N LEU A 185 -3.46 -5.12 7.48
CA LEU A 185 -3.23 -3.91 8.27
C LEU A 185 -1.89 -3.29 7.93
N PHE A 186 -0.87 -4.15 7.82
CA PHE A 186 0.48 -3.68 7.51
C PHE A 186 0.55 -3.10 6.11
N ASN A 187 -0.41 -3.46 5.26
CA ASN A 187 -0.42 -3.00 3.87
C ASN A 187 -1.05 -1.61 3.72
N MET A 188 -1.75 -1.14 4.75
CA MET A 188 -2.37 0.19 4.69
C MET A 188 -1.33 1.25 4.93
N ARG A 189 -1.41 2.34 4.17
CA ARG A 189 -0.50 3.45 4.42
C ARG A 189 -0.87 4.09 5.77
N PRO A 190 0.10 4.31 6.65
CA PRO A 190 -0.23 4.69 8.04
C PRO A 190 -1.01 6.01 8.17
N ASP A 191 -0.76 6.96 7.26
CA ASP A 191 -1.50 8.21 7.34
C ASP A 191 -2.95 8.03 6.91
N ILE A 192 -3.18 7.13 5.94
CA ILE A 192 -4.54 6.80 5.53
C ILE A 192 -5.25 6.04 6.67
N SER A 193 -4.55 5.09 7.28
CA SER A 193 -5.14 4.38 8.43
C SER A 193 -5.60 5.32 9.52
N LEU A 194 -4.74 6.25 9.91
CA LEU A 194 -5.11 7.21 10.95
C LEU A 194 -6.33 8.02 10.53
N HIS A 195 -6.33 8.54 9.30
CA HIS A 195 -7.43 9.33 8.79
C HIS A 195 -8.78 8.57 8.79
N VAL A 196 -8.76 7.31 8.33
CA VAL A 196 -9.97 6.50 8.37
C VAL A 196 -10.48 6.32 9.78
N CYS A 197 -9.57 6.06 10.71
CA CYS A 197 -9.97 5.85 12.09
C CYS A 197 -10.57 7.11 12.67
N GLN A 198 -9.96 8.25 12.39
CA GLN A 198 -10.51 9.53 12.84
C GLN A 198 -11.91 9.75 12.28
N THR A 199 -12.11 9.42 11.01
CA THR A 199 -13.40 9.61 10.38
C THR A 199 -14.47 8.72 11.00
N VAL A 200 -14.12 7.45 11.24
CA VAL A 200 -15.09 6.53 11.80
C VAL A 200 -15.48 6.94 13.23
N PHE A 201 -14.48 7.36 14.02
CA PHE A 201 -14.77 7.72 15.40
C PHE A 201 -15.54 9.05 15.49
N LYS A 202 -15.59 9.84 14.42
CA LYS A 202 -16.41 11.06 14.38
C LYS A 202 -17.82 10.80 13.89
N THR A 203 -18.07 9.60 13.39
CA THR A 203 -19.37 9.28 12.79
C THR A 203 -20.42 8.93 13.85
N ASP A 204 -21.64 9.44 13.68
CA ASP A 204 -22.74 9.09 14.57
C ASP A 204 -24.01 8.95 13.76
N LEU A 205 -24.41 7.70 13.51
CA LEU A 205 -25.58 7.44 12.68
C LEU A 205 -26.85 7.23 13.48
N ARG A 206 -26.82 7.45 14.79
CA ARG A 206 -28.00 7.13 15.61
C ARG A 206 -29.27 7.81 15.11
N GLY A 207 -29.14 9.08 14.75
CA GLY A 207 -30.31 9.86 14.35
C GLY A 207 -30.93 9.42 13.03
N VAL A 208 -30.16 8.79 12.15
CA VAL A 208 -30.73 8.43 10.84
C VAL A 208 -31.14 6.96 10.74
N LEU A 209 -30.96 6.18 11.80
CA LEU A 209 -31.30 4.75 11.73
C LEU A 209 -32.76 4.49 11.33
N GLY A 210 -33.69 5.35 11.77
CA GLY A 210 -35.08 5.16 11.44
C GLY A 210 -35.41 5.45 9.98
N MET A 211 -34.48 6.05 9.24
CA MET A 211 -34.65 6.31 7.82
C MET A 211 -34.36 5.09 6.96
N VAL A 212 -33.66 4.09 7.52
CA VAL A 212 -33.45 2.86 6.78
C VAL A 212 -34.77 2.17 6.53
N ARG A 213 -35.06 1.79 5.29
CA ARG A 213 -36.32 1.10 4.99
C ARG A 213 -36.12 -0.38 4.69
N ALA A 214 -34.89 -0.75 4.39
CA ALA A 214 -34.55 -2.14 4.05
C ALA A 214 -34.61 -3.05 5.26
N PRO A 215 -35.07 -4.29 5.06
CA PRO A 215 -34.88 -5.28 6.11
C PRO A 215 -33.41 -5.50 6.38
N CYS A 216 -33.11 -5.82 7.64
CA CYS A 216 -31.73 -5.91 8.10
C CYS A 216 -31.49 -7.08 9.01
N VAL A 217 -30.38 -7.77 8.77
CA VAL A 217 -29.87 -8.78 9.68
C VAL A 217 -28.62 -8.23 10.35
N VAL A 218 -28.64 -8.13 11.68
CA VAL A 218 -27.45 -7.76 12.46
C VAL A 218 -26.79 -9.03 12.99
N VAL A 219 -25.53 -9.26 12.64
CA VAL A 219 -24.80 -10.45 13.10
C VAL A 219 -24.09 -10.13 14.40
N GLN A 220 -24.42 -10.87 15.46
CA GLN A 220 -23.76 -10.67 16.76
C GLN A 220 -22.89 -11.85 17.12
N THR A 221 -21.64 -11.59 17.46
CA THR A 221 -20.76 -12.64 18.00
C THR A 221 -20.75 -12.53 19.52
N THR A 222 -20.11 -13.48 20.21
CA THR A 222 -20.22 -13.48 21.66
C THR A 222 -19.29 -12.47 22.37
N ARG A 223 -18.39 -11.84 21.61
CA ARG A 223 -17.59 -10.72 22.11
C ARG A 223 -16.93 -10.04 20.93
N ASP A 224 -16.99 -8.72 20.90
CA ASP A 224 -16.36 -7.93 19.87
C ASP A 224 -15.70 -6.75 20.57
N VAL A 225 -14.38 -6.63 20.42
CA VAL A 225 -13.63 -5.58 21.11
C VAL A 225 -14.13 -4.17 20.79
N SER A 226 -14.80 -4.02 19.64
CA SER A 226 -15.27 -2.70 19.19
C SER A 226 -16.77 -2.51 19.27
N VAL A 227 -17.50 -3.57 19.65
CA VAL A 227 -18.96 -3.51 19.64
C VAL A 227 -19.51 -4.19 20.88
N PRO A 228 -19.91 -3.39 21.88
CA PRO A 228 -20.52 -3.97 23.08
C PRO A 228 -21.75 -4.80 22.77
N ALA A 229 -22.04 -5.77 23.62
CA ALA A 229 -23.15 -6.67 23.43
C ALA A 229 -24.49 -5.96 23.28
N SER A 230 -24.63 -4.77 23.88
CA SER A 230 -25.89 -4.04 23.85
C SER A 230 -26.15 -3.31 22.51
N VAL A 231 -25.14 -3.25 21.65
CA VAL A 231 -25.32 -2.48 20.42
C VAL A 231 -26.31 -3.18 19.47
N ALA A 232 -26.27 -4.51 19.36
CA ALA A 232 -27.18 -5.19 18.43
C ALA A 232 -28.65 -4.91 18.78
N ALA A 233 -28.99 -4.98 20.07
CA ALA A 233 -30.36 -4.64 20.47
C ALA A 233 -30.71 -3.17 20.18
N TYR A 234 -29.74 -2.28 20.32
CA TYR A 234 -29.95 -0.88 19.96
C TYR A 234 -30.27 -0.75 18.47
N LEU A 235 -29.49 -1.44 17.62
CA LEU A 235 -29.76 -1.40 16.20
C LEU A 235 -31.13 -1.99 15.87
N LYS A 236 -31.49 -3.10 16.51
CA LYS A 236 -32.80 -3.71 16.27
C LYS A 236 -33.92 -2.76 16.70
N ALA A 237 -33.73 -2.03 17.79
CA ALA A 237 -34.77 -1.13 18.27
C ALA A 237 -34.94 0.11 17.39
N HIS A 238 -33.89 0.55 16.72
CA HIS A 238 -33.94 1.85 16.04
C HIS A 238 -33.85 1.81 14.52
N LEU A 239 -33.37 0.72 13.93
CA LEU A 239 -33.38 0.64 12.46
C LEU A 239 -34.82 0.65 11.96
N GLY A 240 -35.06 1.37 10.87
CA GLY A 240 -36.43 1.56 10.40
C GLY A 240 -37.06 0.42 9.62
N GLY A 241 -36.27 -0.58 9.24
CA GLY A 241 -36.84 -1.72 8.56
C GLY A 241 -37.04 -2.92 9.48
N ARG A 242 -37.46 -4.04 8.91
CA ARG A 242 -37.66 -5.25 9.68
C ARG A 242 -36.30 -5.84 10.00
N THR A 243 -35.95 -5.84 11.28
CA THR A 243 -34.59 -6.17 11.70
C THR A 243 -34.58 -7.35 12.64
N THR A 244 -33.64 -8.26 12.40
CA THR A 244 -33.40 -9.37 13.30
C THR A 244 -31.93 -9.40 13.68
N VAL A 245 -31.65 -10.00 14.84
CA VAL A 245 -30.30 -10.23 15.28
C VAL A 245 -30.06 -11.72 15.18
N GLU A 246 -28.98 -12.08 14.48
CA GLU A 246 -28.59 -13.48 14.33
C GLU A 246 -27.30 -13.71 15.09
N PHE A 247 -27.26 -14.78 15.87
CA PHE A 247 -26.15 -15.01 16.80
C PHE A 247 -25.18 -16.08 16.30
N LEU A 248 -23.89 -15.76 16.28
CA LEU A 248 -22.85 -16.76 16.09
C LEU A 248 -22.37 -17.27 17.44
N GLN A 249 -22.11 -18.57 17.55
CA GLN A 249 -21.70 -19.15 18.82
C GLN A 249 -20.18 -19.11 19.05
N THR A 250 -19.53 -18.07 18.51
CA THR A 250 -18.14 -17.84 18.77
C THR A 250 -17.89 -16.34 18.89
N GLU A 251 -16.66 -15.97 19.21
CA GLU A 251 -16.34 -14.57 19.45
C GLU A 251 -15.55 -13.97 18.30
N GLY A 252 -15.48 -12.65 18.31
CA GLY A 252 -14.58 -11.90 17.45
C GLY A 252 -15.23 -10.80 16.66
N HIS A 253 -14.41 -9.86 16.24
CA HIS A 253 -14.85 -8.78 15.34
C HIS A 253 -14.80 -9.19 13.86
N LEU A 254 -14.06 -10.27 13.52
CA LEU A 254 -13.87 -10.65 12.11
C LEU A 254 -14.26 -12.10 11.86
N PRO A 255 -15.53 -12.43 12.07
CA PRO A 255 -15.95 -13.82 11.91
C PRO A 255 -15.79 -14.34 10.50
N HIS A 256 -15.77 -13.48 9.49
CA HIS A 256 -15.47 -13.95 8.15
C HIS A 256 -14.03 -14.46 8.00
N LEU A 257 -13.13 -14.02 8.88
CA LEU A 257 -11.78 -14.57 8.93
C LEU A 257 -11.63 -15.73 9.92
N SER A 258 -12.29 -15.63 11.08
CA SER A 258 -12.04 -16.57 12.18
C SER A 258 -13.03 -17.73 12.25
N ALA A 259 -14.22 -17.55 11.68
CA ALA A 259 -15.24 -18.60 11.70
C ALA A 259 -16.06 -18.57 10.40
N PRO A 260 -15.38 -18.65 9.23
CA PRO A 260 -16.11 -18.41 7.98
C PRO A 260 -17.22 -19.43 7.69
N SER A 261 -17.02 -20.69 8.05
CA SER A 261 -18.10 -21.66 7.79
C SER A 261 -19.37 -21.36 8.59
N LEU A 262 -19.21 -20.94 9.84
CA LEU A 262 -20.36 -20.56 10.65
C LEU A 262 -21.02 -19.30 10.10
N LEU A 263 -20.21 -18.31 9.76
CA LEU A 263 -20.78 -17.08 9.21
C LEU A 263 -21.51 -17.35 7.90
N ALA A 264 -20.96 -18.24 7.10
CA ALA A 264 -21.58 -18.58 5.83
C ALA A 264 -23.01 -19.13 5.99
N GLN A 265 -23.28 -19.85 7.08
CA GLN A 265 -24.63 -20.37 7.34
C GLN A 265 -25.58 -19.19 7.47
N VAL A 266 -25.14 -18.20 8.23
CA VAL A 266 -25.97 -17.02 8.47
C VAL A 266 -26.19 -16.25 7.15
N LEU A 267 -25.12 -16.10 6.37
CA LEU A 267 -25.26 -15.39 5.10
C LEU A 267 -26.19 -16.12 4.14
N ARG A 268 -26.05 -17.45 4.02
CA ARG A 268 -26.96 -18.19 3.14
C ARG A 268 -28.44 -18.00 3.52
N ARG A 269 -28.75 -18.08 4.81
CA ARG A 269 -30.11 -17.85 5.27
C ARG A 269 -30.58 -16.42 5.03
N ALA A 270 -29.71 -15.46 5.35
CA ALA A 270 -30.10 -14.06 5.24
C ALA A 270 -30.26 -13.59 3.79
N LEU A 271 -29.59 -14.28 2.86
CA LEU A 271 -29.61 -13.86 1.45
C LEU A 271 -30.51 -14.75 0.59
N ALA A 272 -31.36 -15.54 1.23
CA ALA A 272 -32.22 -16.49 0.52
C ALA A 272 -33.31 -15.81 -0.29
N ARG A 273 -34.02 -14.88 0.33
CA ARG A 273 -35.08 -14.13 -0.35
C ARG A 273 -35.00 -12.66 -0.01
N TYR A 274 -35.08 -11.81 -1.03
CA TYR A 274 -35.19 -10.39 -0.77
C TYR A 274 -35.65 -9.60 -1.97
N ALA B 10 18.20 24.56 -10.86
CA ALA B 10 16.99 25.32 -10.55
C ALA B 10 15.84 24.93 -11.48
N LYS B 11 16.07 24.91 -12.79
CA LYS B 11 15.04 24.45 -13.73
C LYS B 11 14.69 22.99 -13.50
N LEU B 12 15.69 22.23 -13.10
CA LEU B 12 15.51 20.83 -12.78
C LEU B 12 14.50 20.67 -11.64
N LEU B 13 14.35 21.66 -10.75
CA LEU B 13 13.36 21.50 -9.67
C LEU B 13 11.98 21.23 -10.24
N GLN B 14 11.67 21.87 -11.37
CA GLN B 14 10.38 21.62 -12.01
C GLN B 14 10.42 20.44 -12.97
N ILE B 15 11.45 20.37 -13.80
CA ILE B 15 11.53 19.32 -14.82
C ILE B 15 11.51 17.91 -14.18
N LEU B 16 12.18 17.77 -13.04
CA LEU B 16 12.29 16.49 -12.35
C LEU B 16 11.29 16.39 -11.18
N ASN B 17 10.30 17.27 -11.17
CA ASN B 17 9.17 17.12 -10.24
C ASN B 17 9.60 17.00 -8.77
N VAL B 18 10.48 17.89 -8.36
CA VAL B 18 11.00 17.82 -6.99
C VAL B 18 9.89 18.14 -5.98
N ARG B 19 9.84 17.37 -4.91
CA ARG B 19 8.93 17.58 -3.79
C ARG B 19 9.72 17.53 -2.50
N VAL B 20 9.37 18.41 -1.55
CA VAL B 20 10.01 18.41 -0.24
C VAL B 20 8.88 18.36 0.79
N VAL B 21 8.89 17.34 1.64
CA VAL B 21 7.83 17.11 2.60
C VAL B 21 8.43 16.72 3.94
N GLY B 22 7.64 16.76 5.01
CA GLY B 22 8.14 16.36 6.31
C GLY B 22 8.71 17.52 7.08
N SER B 23 9.37 17.22 8.19
CA SER B 23 9.96 18.30 8.96
C SER B 23 11.16 17.83 9.77
N GLY B 24 12.02 18.76 10.13
CA GLY B 24 13.15 18.43 10.99
C GLY B 24 14.48 18.89 10.40
N GLU B 25 15.53 18.74 11.18
CA GLU B 25 16.85 19.11 10.71
C GLU B 25 17.41 18.05 9.76
N ARG B 26 17.08 16.78 10.00
CA ARG B 26 17.60 15.66 9.21
C ARG B 26 16.94 15.59 7.82
N VAL B 27 17.72 15.86 6.78
CA VAL B 27 17.25 15.78 5.40
C VAL B 27 17.55 14.41 4.80
N VAL B 28 16.55 13.82 4.16
CA VAL B 28 16.70 12.53 3.49
C VAL B 28 16.25 12.66 2.04
N VAL B 29 17.09 12.20 1.10
CA VAL B 29 16.71 12.17 -0.31
C VAL B 29 16.31 10.76 -0.70
N LEU B 30 15.16 10.62 -1.35
CA LEU B 30 14.72 9.32 -1.88
C LEU B 30 14.84 9.36 -3.39
N SER B 31 15.60 8.42 -3.94
CA SER B 31 15.92 8.40 -5.36
C SER B 31 15.54 7.03 -5.93
N HIS B 32 14.57 7.01 -6.87
CA HIS B 32 13.97 5.75 -7.35
C HIS B 32 14.82 5.03 -8.41
N GLY B 33 14.38 3.82 -8.71
CA GLY B 33 15.08 2.97 -9.68
C GLY B 33 14.40 2.91 -11.03
N PHE B 34 14.91 2.03 -11.89
CA PHE B 34 14.37 1.91 -13.24
C PHE B 34 12.95 1.37 -13.24
N GLY B 35 12.09 1.99 -14.04
CA GLY B 35 10.74 1.48 -14.22
C GLY B 35 9.72 2.08 -13.27
N THR B 36 10.18 2.91 -12.35
CA THR B 36 9.30 3.62 -11.41
C THR B 36 9.53 5.11 -11.52
N ASP B 37 8.72 5.87 -10.79
CA ASP B 37 8.99 7.30 -10.56
C ASP B 37 8.96 7.48 -9.04
N GLN B 38 8.94 8.72 -8.55
CA GLN B 38 8.99 8.93 -7.12
C GLN B 38 7.76 8.39 -6.40
N SER B 39 6.67 8.12 -7.12
CA SER B 39 5.48 7.55 -6.47
C SER B 39 5.77 6.16 -5.87
N ALA B 40 6.84 5.49 -6.30
CA ALA B 40 7.16 4.21 -5.69
C ALA B 40 7.51 4.34 -4.22
N TRP B 41 7.87 5.55 -3.77
CA TRP B 41 8.15 5.79 -2.36
C TRP B 41 6.89 6.11 -1.55
N SER B 42 5.72 6.15 -2.18
CA SER B 42 4.52 6.64 -1.49
C SER B 42 4.19 5.83 -0.24
N ARG B 43 4.30 4.52 -0.34
CA ARG B 43 3.88 3.68 0.76
C ARG B 43 4.84 3.75 1.94
N VAL B 44 6.14 3.99 1.73
CA VAL B 44 7.02 4.07 2.88
C VAL B 44 7.15 5.50 3.41
N LEU B 45 6.80 6.49 2.57
CA LEU B 45 7.04 7.89 2.92
C LEU B 45 6.51 8.33 4.31
N PRO B 46 5.28 7.94 4.69
CA PRO B 46 4.78 8.44 5.98
C PRO B 46 5.52 7.86 7.19
N TYR B 47 6.31 6.82 7.00
CA TYR B 47 7.13 6.32 8.08
C TYR B 47 8.35 7.20 8.34
N LEU B 48 8.60 8.17 7.46
CA LEU B 48 9.77 9.03 7.58
C LEU B 48 9.43 10.49 7.89
N THR B 49 8.26 10.94 7.47
CA THR B 49 8.03 12.38 7.45
C THR B 49 7.71 13.04 8.80
N ARG B 50 7.42 12.27 9.84
CA ARG B 50 7.24 12.88 11.17
C ARG B 50 8.55 13.47 11.69
N ASP B 51 9.65 12.87 11.24
CA ASP B 51 10.97 12.88 11.86
C ASP B 51 12.05 13.46 10.97
N HIS B 52 11.74 13.58 9.67
CA HIS B 52 12.72 13.93 8.66
C HIS B 52 12.13 14.85 7.61
N ARG B 53 12.98 15.68 7.04
CA ARG B 53 12.66 16.48 5.86
C ARG B 53 13.02 15.64 4.65
N VAL B 54 12.04 15.28 3.83
CA VAL B 54 12.29 14.31 2.75
C VAL B 54 12.22 15.00 1.39
N VAL B 55 13.26 14.83 0.61
CA VAL B 55 13.33 15.32 -0.76
C VAL B 55 13.11 14.17 -1.72
N LEU B 56 12.10 14.30 -2.58
CA LEU B 56 11.84 13.31 -3.63
C LEU B 56 11.97 13.95 -5.00
N TYR B 57 12.37 13.17 -6.00
CA TYR B 57 12.43 13.67 -7.37
C TYR B 57 12.35 12.50 -8.33
N ASP B 58 12.07 12.82 -9.58
CA ASP B 58 12.06 11.81 -10.66
C ASP B 58 13.38 11.86 -11.42
N LEU B 59 13.95 10.70 -11.68
CA LEU B 59 15.02 10.61 -12.65
C LEU B 59 14.52 11.09 -14.01
N VAL B 60 15.43 11.61 -14.82
CA VAL B 60 15.03 12.16 -16.11
C VAL B 60 14.35 11.11 -17.01
N CYS B 61 14.64 9.83 -16.78
CA CYS B 61 14.06 8.78 -17.60
C CYS B 61 12.64 8.37 -17.19
N ALA B 62 12.12 8.91 -16.08
CA ALA B 62 10.80 8.52 -15.64
C ALA B 62 9.74 9.00 -16.63
N GLY B 63 8.65 8.23 -16.77
CA GLY B 63 7.60 8.61 -17.69
C GLY B 63 6.88 9.89 -17.28
N SER B 64 7.03 10.25 -16.01
CA SER B 64 6.41 11.46 -15.47
C SER B 64 7.21 12.72 -15.77
N VAL B 65 8.38 12.56 -16.38
CA VAL B 65 9.19 13.67 -16.86
C VAL B 65 8.96 13.80 -18.37
N ASN B 66 8.84 15.03 -18.85
CA ASN B 66 8.65 15.27 -20.28
C ASN B 66 9.78 14.60 -21.07
N PRO B 67 9.41 13.68 -21.98
CA PRO B 67 10.45 12.94 -22.70
C PRO B 67 11.28 13.82 -23.60
N ASP B 68 10.79 15.03 -23.92
CA ASP B 68 11.58 15.95 -24.72
C ASP B 68 12.83 16.43 -23.96
N HIS B 69 12.85 16.26 -22.64
CA HIS B 69 14.04 16.60 -21.89
C HIS B 69 15.12 15.53 -21.92
N PHE B 70 14.80 14.35 -22.43
CA PHE B 70 15.78 13.29 -22.36
C PHE B 70 16.88 13.45 -23.42
N ASP B 71 18.10 13.67 -22.97
CA ASP B 71 19.25 13.87 -23.83
C ASP B 71 19.99 12.55 -24.01
N PHE B 72 19.89 11.95 -25.19
CA PHE B 72 20.45 10.63 -25.42
C PHE B 72 21.98 10.61 -25.42
N ARG B 73 22.61 11.78 -25.56
CA ARG B 73 24.05 11.86 -25.43
C ARG B 73 24.46 11.91 -23.96
N ARG B 74 24.04 12.97 -23.27
CA ARG B 74 24.50 13.22 -21.90
C ARG B 74 24.21 12.03 -20.98
N TYR B 75 23.00 11.47 -21.10
CA TYR B 75 22.58 10.44 -20.17
C TYR B 75 23.02 9.03 -20.52
N ASP B 76 23.96 8.90 -21.46
CA ASP B 76 24.53 7.57 -21.71
C ASP B 76 25.66 7.25 -20.74
N ASN B 77 25.81 8.06 -19.70
CA ASN B 77 26.70 7.78 -18.58
C ASN B 77 26.01 8.21 -17.30
N LEU B 78 26.15 7.44 -16.23
CA LEU B 78 25.46 7.80 -15.00
C LEU B 78 25.96 9.10 -14.38
N ASP B 79 27.14 9.57 -14.77
CA ASP B 79 27.63 10.86 -14.27
C ASP B 79 26.61 11.97 -14.49
N ALA B 80 25.88 11.92 -15.61
CA ALA B 80 24.89 12.96 -15.90
C ALA B 80 23.70 12.92 -14.95
N TYR B 81 23.32 11.71 -14.50
CA TYR B 81 22.25 11.59 -13.51
C TYR B 81 22.75 12.16 -12.18
N VAL B 82 24.02 11.91 -11.85
CA VAL B 82 24.63 12.52 -10.67
C VAL B 82 24.56 14.05 -10.77
N ASP B 83 24.89 14.59 -11.93
CA ASP B 83 24.87 16.06 -12.07
C ASP B 83 23.50 16.61 -11.69
N ASP B 84 22.45 15.93 -12.13
CA ASP B 84 21.09 16.39 -11.86
C ASP B 84 20.78 16.38 -10.36
N LEU B 85 21.18 15.31 -9.69
CA LEU B 85 20.96 15.18 -8.26
C LEU B 85 21.66 16.31 -7.50
N LEU B 86 22.93 16.51 -7.84
CA LEU B 86 23.68 17.57 -7.17
C LEU B 86 23.11 18.96 -7.44
N ALA B 87 22.67 19.18 -8.67
CA ALA B 87 22.07 20.48 -9.02
C ALA B 87 20.80 20.74 -8.22
N ILE B 88 19.99 19.70 -8.00
CA ILE B 88 18.78 19.82 -7.18
C ILE B 88 19.12 20.19 -5.75
N LEU B 89 20.09 19.49 -5.16
CA LEU B 89 20.45 19.73 -3.77
C LEU B 89 21.08 21.10 -3.58
N ASP B 90 21.90 21.50 -4.55
CA ASP B 90 22.54 22.82 -4.48
C ASP B 90 21.48 23.93 -4.66
N ALA B 91 20.50 23.71 -5.54
CA ALA B 91 19.44 24.71 -5.71
C ALA B 91 18.62 24.87 -4.43
N LEU B 92 18.33 23.76 -3.77
CA LEU B 92 17.58 23.79 -2.53
C LEU B 92 18.40 24.30 -1.34
N ARG B 93 19.69 24.56 -1.56
CA ARG B 93 20.60 25.03 -0.52
C ARG B 93 20.70 24.03 0.65
N ILE B 94 20.79 22.75 0.28
CA ILE B 94 20.97 21.67 1.25
C ILE B 94 22.43 21.25 1.29
N PRO B 95 23.13 21.50 2.40
CA PRO B 95 24.56 21.19 2.43
C PRO B 95 24.88 19.79 2.96
N ARG B 96 23.89 19.10 3.52
CA ARG B 96 24.13 17.79 4.10
C ARG B 96 22.85 16.97 4.13
N CYS B 97 22.95 15.70 3.75
CA CYS B 97 21.77 14.84 3.73
C CYS B 97 22.15 13.38 3.85
N ALA B 98 21.14 12.56 4.14
CA ALA B 98 21.24 11.12 3.89
C ALA B 98 20.58 10.85 2.54
N PHE B 99 21.03 9.80 1.86
CA PHE B 99 20.52 9.46 0.53
C PHE B 99 20.11 8.01 0.50
N VAL B 100 18.88 7.76 0.08
CA VAL B 100 18.35 6.43 -0.13
C VAL B 100 18.15 6.21 -1.61
N GLY B 101 18.88 5.24 -2.19
CA GLY B 101 18.80 4.98 -3.62
C GLY B 101 18.44 3.55 -3.95
N HIS B 102 17.49 3.38 -4.86
CA HIS B 102 17.09 2.08 -5.35
C HIS B 102 17.68 1.81 -6.73
N SER B 103 18.29 0.62 -6.90
CA SER B 103 18.74 0.12 -8.21
C SER B 103 19.72 1.12 -8.85
N VAL B 104 19.41 1.67 -10.03
CA VAL B 104 20.30 2.65 -10.67
C VAL B 104 20.60 3.81 -9.72
N SER B 105 19.64 4.18 -8.87
CA SER B 105 19.91 5.26 -7.92
C SER B 105 20.91 4.87 -6.85
N ALA B 106 21.09 3.58 -6.56
CA ALA B 106 22.18 3.20 -5.66
C ALA B 106 23.53 3.50 -6.32
N MET B 107 23.65 3.24 -7.62
CA MET B 107 24.86 3.60 -8.37
C MET B 107 25.05 5.12 -8.40
N ILE B 108 23.96 5.86 -8.60
CA ILE B 108 24.03 7.31 -8.59
C ILE B 108 24.50 7.82 -7.23
N GLY B 109 23.97 7.24 -6.15
CA GLY B 109 24.39 7.64 -4.81
C GLY B 109 25.87 7.39 -4.54
N ILE B 110 26.36 6.23 -4.95
CA ILE B 110 27.78 5.94 -4.80
C ILE B 110 28.63 7.01 -5.53
N LEU B 111 28.29 7.30 -6.78
CA LEU B 111 29.03 8.30 -7.56
C LEU B 111 28.92 9.69 -6.96
N ALA B 112 27.72 10.03 -6.50
CA ALA B 112 27.49 11.36 -5.92
C ALA B 112 28.29 11.56 -4.63
N SER B 113 28.39 10.50 -3.81
CA SER B 113 29.15 10.61 -2.55
C SER B 113 30.65 10.78 -2.82
N ILE B 114 31.13 10.28 -3.95
CA ILE B 114 32.53 10.53 -4.35
C ILE B 114 32.69 11.95 -4.91
N ARG B 115 31.73 12.42 -5.71
CA ARG B 115 31.80 13.77 -6.25
C ARG B 115 31.75 14.85 -5.17
N ARG B 116 30.92 14.62 -4.15
CA ARG B 116 30.66 15.63 -3.12
C ARG B 116 30.65 14.96 -1.74
N PRO B 117 31.83 14.60 -1.23
CA PRO B 117 31.86 13.81 0.01
C PRO B 117 31.23 14.49 1.23
N ASP B 118 31.23 15.81 1.28
CA ASP B 118 30.71 16.50 2.45
C ASP B 118 29.19 16.60 2.41
N LEU B 119 28.61 16.36 1.25
CA LEU B 119 27.17 16.48 1.09
C LEU B 119 26.36 15.26 1.57
N PHE B 120 26.97 14.08 1.52
CA PHE B 120 26.28 12.83 1.84
C PHE B 120 26.78 12.23 3.13
N ALA B 121 25.97 12.38 4.16
CA ALA B 121 26.33 11.91 5.49
C ALA B 121 26.14 10.41 5.65
N LYS B 122 25.27 9.83 4.82
CA LYS B 122 24.96 8.41 4.91
C LYS B 122 24.26 7.97 3.64
N LEU B 123 24.55 6.75 3.18
CA LEU B 123 23.88 6.13 2.04
C LEU B 123 23.10 4.91 2.47
N VAL B 124 21.89 4.77 1.95
CA VAL B 124 21.12 3.53 2.08
C VAL B 124 20.88 3.03 0.66
N LEU B 125 21.33 1.82 0.37
CA LEU B 125 21.34 1.25 -0.98
C LEU B 125 20.38 0.08 -1.04
N ILE B 126 19.39 0.13 -1.92
CA ILE B 126 18.33 -0.88 -2.02
C ILE B 126 18.37 -1.46 -3.44
N GLY B 127 18.19 -2.76 -3.59
CA GLY B 127 18.28 -3.36 -4.91
C GLY B 127 19.57 -3.00 -5.65
N ALA B 128 20.69 -3.10 -4.93
CA ALA B 128 21.93 -2.42 -5.29
C ALA B 128 23.04 -3.33 -5.79
N SER B 129 23.74 -2.88 -6.82
CA SER B 129 24.88 -3.60 -7.36
C SER B 129 25.85 -2.63 -7.98
N PRO B 130 27.15 -2.89 -7.87
CA PRO B 130 28.14 -2.05 -8.55
C PRO B 130 28.36 -2.48 -10.00
N ARG B 131 27.82 -3.64 -10.39
CA ARG B 131 28.09 -4.19 -11.71
C ARG B 131 27.18 -5.39 -11.93
N PHE B 132 26.36 -5.34 -12.96
CA PHE B 132 25.40 -6.41 -13.22
C PHE B 132 25.99 -7.54 -14.04
N LEU B 133 27.02 -7.25 -14.83
CA LEU B 133 27.70 -8.27 -15.63
C LEU B 133 28.67 -9.09 -14.82
N ASN B 134 28.73 -10.39 -15.13
CA ASN B 134 29.71 -11.27 -14.52
C ASN B 134 31.14 -10.93 -14.94
N ASP B 135 32.11 -11.26 -14.08
CA ASP B 135 33.52 -11.07 -14.39
C ASP B 135 34.20 -12.19 -13.62
N SER B 136 35.51 -12.36 -13.75
CA SER B 136 36.22 -13.41 -13.05
C SER B 136 35.99 -13.31 -11.54
N ASP B 137 35.46 -14.41 -10.97
CA ASP B 137 35.06 -14.53 -9.56
C ASP B 137 33.95 -13.55 -9.17
N TYR B 138 33.62 -12.64 -10.05
CA TYR B 138 32.58 -11.66 -9.75
C TYR B 138 31.24 -12.11 -10.33
N HIS B 139 30.27 -12.40 -9.47
CA HIS B 139 28.94 -12.84 -9.92
C HIS B 139 27.97 -11.66 -9.88
N GLY B 140 27.85 -10.97 -10.99
CA GLY B 140 26.91 -9.84 -11.10
C GLY B 140 25.50 -10.30 -11.40
N GLY B 141 25.38 -11.46 -12.03
CA GLY B 141 24.07 -12.02 -12.32
C GLY B 141 23.74 -12.19 -13.79
N PHE B 142 24.55 -11.60 -14.65
CA PHE B 142 24.24 -11.58 -16.07
C PHE B 142 25.49 -11.80 -16.92
N GLU B 143 25.34 -12.60 -17.97
CA GLU B 143 26.34 -12.66 -19.02
C GLU B 143 25.96 -11.64 -20.09
N LEU B 144 26.94 -11.30 -20.94
CA LEU B 144 26.71 -10.38 -22.06
C LEU B 144 25.55 -10.81 -22.96
N GLU B 145 25.49 -12.10 -23.29
CA GLU B 145 24.42 -12.60 -24.12
C GLU B 145 23.04 -12.49 -23.46
N GLU B 146 23.01 -12.61 -22.13
CA GLU B 146 21.77 -12.43 -21.39
C GLU B 146 21.29 -10.99 -21.45
N ILE B 147 22.21 -10.04 -21.33
CA ILE B 147 21.73 -8.66 -21.36
C ILE B 147 21.35 -8.31 -22.79
N GLN B 148 22.06 -8.87 -23.77
CA GLN B 148 21.68 -8.61 -25.16
C GLN B 148 20.27 -9.11 -25.45
N GLN B 149 19.89 -10.23 -24.85
CA GLN B 149 18.53 -10.74 -25.02
C GLN B 149 17.48 -9.85 -24.35
N VAL B 150 17.84 -9.19 -23.25
CA VAL B 150 16.92 -8.23 -22.64
C VAL B 150 16.67 -7.07 -23.62
N PHE B 151 17.75 -6.51 -24.17
CA PHE B 151 17.66 -5.44 -25.18
C PHE B 151 16.81 -5.88 -26.36
N ASP B 152 17.07 -7.10 -26.82
CA ASP B 152 16.34 -7.64 -27.97
C ASP B 152 14.84 -7.69 -27.67
N ALA B 153 14.49 -8.19 -26.50
CA ALA B 153 13.10 -8.30 -26.08
C ALA B 153 12.43 -6.94 -25.96
N MET B 154 13.10 -6.00 -25.31
CA MET B 154 12.54 -4.66 -25.13
C MET B 154 12.25 -3.96 -26.46
N GLY B 155 13.14 -4.15 -27.43
CA GLY B 155 12.98 -3.49 -28.71
C GLY B 155 11.94 -4.17 -29.58
N ALA B 156 11.78 -5.48 -29.40
CA ALA B 156 10.88 -6.27 -30.24
C ALA B 156 9.42 -6.10 -29.80
N ASN B 157 9.19 -6.12 -28.49
CA ASN B 157 7.85 -6.05 -27.95
C ASN B 157 7.88 -5.45 -26.54
N TYR B 158 7.86 -4.12 -26.43
CA TYR B 158 8.05 -3.48 -25.12
C TYR B 158 6.95 -3.91 -24.16
N SER B 159 5.71 -3.94 -24.66
CA SER B 159 4.56 -4.30 -23.83
C SER B 159 4.66 -5.72 -23.27
N ALA B 160 5.00 -6.70 -24.11
CA ALA B 160 5.16 -8.07 -23.62
C ALA B 160 6.35 -8.17 -22.68
N TRP B 161 7.42 -7.45 -22.99
CA TRP B 161 8.57 -7.47 -22.10
C TRP B 161 8.20 -6.90 -20.74
N ALA B 162 7.51 -5.76 -20.72
CA ALA B 162 7.12 -5.11 -19.46
C ALA B 162 6.16 -5.99 -18.68
N THR B 163 5.23 -6.61 -19.40
CA THR B 163 4.25 -7.48 -18.78
C THR B 163 4.94 -8.62 -18.06
N GLY B 164 5.99 -9.17 -18.69
CA GLY B 164 6.72 -10.25 -18.08
C GLY B 164 7.65 -9.85 -16.95
N TYR B 165 8.28 -8.67 -17.08
CA TYR B 165 9.30 -8.28 -16.13
C TYR B 165 8.68 -7.84 -14.81
N ALA B 166 7.51 -7.20 -14.86
CA ALA B 166 6.90 -6.64 -13.66
C ALA B 166 6.73 -7.67 -12.51
N PRO B 167 6.07 -8.83 -12.78
CA PRO B 167 5.96 -9.80 -11.69
C PRO B 167 7.30 -10.40 -11.27
N LEU B 168 8.23 -10.51 -12.23
CA LEU B 168 9.56 -10.99 -11.94
C LEU B 168 10.32 -10.04 -11.00
N ALA B 169 10.25 -8.74 -11.29
CA ALA B 169 10.91 -7.74 -10.47
C ALA B 169 10.29 -7.68 -9.07
N VAL B 170 8.96 -7.68 -8.99
CA VAL B 170 8.31 -7.61 -7.68
C VAL B 170 8.61 -8.89 -6.87
N GLY B 171 8.61 -10.05 -7.52
CA GLY B 171 9.03 -11.28 -6.86
C GLY B 171 7.94 -11.90 -6.01
N ALA B 172 7.65 -11.25 -4.88
CA ALA B 172 6.58 -11.69 -3.99
C ALA B 172 5.21 -11.57 -4.65
N ASP B 173 4.26 -12.36 -4.16
CA ASP B 173 2.89 -12.30 -4.63
C ASP B 173 2.13 -11.16 -3.96
N VAL B 174 2.37 -9.95 -4.43
CA VAL B 174 1.71 -8.75 -3.92
C VAL B 174 1.13 -8.03 -5.14
N PRO B 175 -0.13 -8.31 -5.48
CA PRO B 175 -0.74 -7.80 -6.71
C PRO B 175 -0.66 -6.28 -6.85
N ALA B 176 -0.86 -5.52 -5.79
CA ALA B 176 -0.83 -4.07 -5.96
C ALA B 176 0.56 -3.58 -6.32
N ALA B 177 1.61 -4.27 -5.87
CA ALA B 177 2.98 -3.88 -6.25
C ALA B 177 3.24 -4.21 -7.71
N VAL B 178 2.78 -5.37 -8.18
CA VAL B 178 2.88 -5.67 -9.61
C VAL B 178 2.13 -4.64 -10.46
N GLN B 179 0.92 -4.28 -10.04
CA GLN B 179 0.12 -3.27 -10.71
C GLN B 179 0.82 -1.91 -10.75
N GLU B 180 1.36 -1.50 -9.61
CA GLU B 180 1.96 -0.18 -9.51
C GLU B 180 3.28 -0.10 -10.26
N PHE B 181 4.09 -1.16 -10.19
CA PHE B 181 5.31 -1.19 -10.98
C PHE B 181 5.01 -1.24 -12.46
N SER B 182 4.06 -2.08 -12.84
CA SER B 182 3.68 -2.15 -14.24
C SER B 182 3.22 -0.79 -14.77
N ARG B 183 2.41 -0.06 -14.00
CA ARG B 183 1.91 1.23 -14.43
C ARG B 183 3.04 2.18 -14.80
N THR B 184 4.02 2.31 -13.91
CA THR B 184 5.09 3.25 -14.19
C THR B 184 6.04 2.71 -15.26
N LEU B 185 6.19 1.39 -15.36
CA LEU B 185 6.99 0.80 -16.44
C LEU B 185 6.36 1.11 -17.81
N PHE B 186 5.04 0.98 -17.91
CA PHE B 186 4.35 1.27 -19.17
C PHE B 186 4.32 2.76 -19.47
N ASN B 187 4.49 3.59 -18.45
CA ASN B 187 4.52 5.05 -18.65
C ASN B 187 5.83 5.55 -19.24
N MET B 188 6.88 4.76 -19.14
CA MET B 188 8.16 5.12 -19.76
C MET B 188 8.07 5.00 -21.27
N ARG B 189 8.75 5.88 -21.96
CA ARG B 189 8.81 5.75 -23.42
C ARG B 189 9.77 4.62 -23.75
N PRO B 190 9.37 3.69 -24.64
CA PRO B 190 10.16 2.47 -24.81
C PRO B 190 11.62 2.71 -25.22
N ASP B 191 11.88 3.74 -26.03
CA ASP B 191 13.25 4.01 -26.43
C ASP B 191 14.11 4.54 -25.27
N ILE B 192 13.50 5.37 -24.42
CA ILE B 192 14.18 5.86 -23.23
C ILE B 192 14.46 4.70 -22.26
N SER B 193 13.47 3.81 -22.05
CA SER B 193 13.67 2.63 -21.23
C SER B 193 14.87 1.80 -21.69
N LEU B 194 14.93 1.54 -22.99
CA LEU B 194 16.01 0.73 -23.53
C LEU B 194 17.37 1.43 -23.30
N HIS B 195 17.41 2.74 -23.52
CA HIS B 195 18.64 3.51 -23.34
C HIS B 195 19.14 3.47 -21.89
N VAL B 196 18.23 3.64 -20.93
CA VAL B 196 18.63 3.54 -19.54
C VAL B 196 19.15 2.14 -19.22
N CYS B 197 18.48 1.12 -19.76
CA CYS B 197 18.90 -0.25 -19.51
C CYS B 197 20.28 -0.51 -20.07
N GLN B 198 20.54 -0.04 -21.29
CA GLN B 198 21.88 -0.19 -21.86
C GLN B 198 22.91 0.52 -21.01
N THR B 199 22.59 1.73 -20.55
CA THR B 199 23.53 2.52 -19.78
C THR B 199 23.88 1.86 -18.45
N VAL B 200 22.87 1.38 -17.75
CA VAL B 200 23.12 0.72 -16.48
C VAL B 200 23.89 -0.60 -16.66
N PHE B 201 23.54 -1.39 -17.67
CA PHE B 201 24.21 -2.67 -17.86
C PHE B 201 25.67 -2.51 -18.27
N LYS B 202 26.08 -1.33 -18.75
CA LYS B 202 27.48 -1.15 -19.11
C LYS B 202 28.28 -0.47 -17.98
N THR B 203 27.60 -0.15 -16.87
CA THR B 203 28.24 0.55 -15.77
C THR B 203 29.01 -0.45 -14.87
N ASP B 204 30.20 -0.06 -14.46
CA ASP B 204 31.01 -0.85 -13.53
C ASP B 204 31.64 0.09 -12.51
N LEU B 205 31.10 0.10 -11.28
CA LEU B 205 31.61 0.94 -10.21
C LEU B 205 32.57 0.24 -9.26
N ARG B 206 32.97 -0.99 -9.57
CA ARG B 206 33.77 -1.74 -8.59
C ARG B 206 35.06 -1.00 -8.23
N GLY B 207 35.66 -0.36 -9.22
CA GLY B 207 36.92 0.31 -9.03
C GLY B 207 36.86 1.56 -8.17
N VAL B 208 35.68 2.13 -7.97
CA VAL B 208 35.60 3.35 -7.18
C VAL B 208 34.89 3.15 -5.84
N LEU B 209 34.44 1.93 -5.53
CA LEU B 209 33.76 1.71 -4.26
C LEU B 209 34.59 2.16 -3.05
N GLY B 210 35.91 1.94 -3.12
CA GLY B 210 36.78 2.30 -2.03
C GLY B 210 36.88 3.79 -1.77
N MET B 211 36.40 4.61 -2.72
CA MET B 211 36.45 6.05 -2.57
C MET B 211 35.23 6.62 -1.89
N VAL B 212 34.20 5.80 -1.71
CA VAL B 212 33.03 6.21 -0.93
C VAL B 212 33.44 6.31 0.53
N ARG B 213 33.23 7.47 1.14
CA ARG B 213 33.65 7.69 2.52
C ARG B 213 32.51 7.55 3.50
N ALA B 214 31.29 7.77 3.01
CA ALA B 214 30.11 7.80 3.85
C ALA B 214 29.77 6.42 4.43
N PRO B 215 29.26 6.39 5.66
CA PRO B 215 28.69 5.12 6.15
C PRO B 215 27.52 4.71 5.29
N CYS B 216 27.33 3.40 5.19
CA CYS B 216 26.37 2.84 4.26
C CYS B 216 25.57 1.70 4.86
N VAL B 217 24.29 1.64 4.54
CA VAL B 217 23.47 0.48 4.81
C VAL B 217 23.04 -0.14 3.49
N VAL B 218 23.35 -1.41 3.28
CA VAL B 218 22.90 -2.15 2.11
C VAL B 218 21.69 -2.99 2.50
N VAL B 219 20.56 -2.80 1.82
CA VAL B 219 19.35 -3.56 2.11
C VAL B 219 19.25 -4.79 1.21
N GLN B 220 19.17 -5.97 1.83
CA GLN B 220 19.11 -7.23 1.08
C GLN B 220 17.78 -7.93 1.34
N THR B 221 17.16 -8.40 0.27
CA THR B 221 15.95 -9.20 0.39
C THR B 221 16.34 -10.67 0.20
N THR B 222 15.37 -11.58 0.24
CA THR B 222 15.71 -12.99 0.17
C THR B 222 16.12 -13.39 -1.24
N ARG B 223 15.61 -12.66 -2.23
CA ARG B 223 15.90 -12.95 -3.62
C ARG B 223 15.59 -11.70 -4.45
N ASP B 224 16.50 -11.35 -5.36
CA ASP B 224 16.35 -10.23 -6.25
C ASP B 224 16.79 -10.68 -7.62
N VAL B 225 15.89 -10.60 -8.61
CA VAL B 225 16.16 -11.10 -9.93
C VAL B 225 17.37 -10.43 -10.60
N SER B 226 17.73 -9.22 -10.16
CA SER B 226 18.86 -8.50 -10.74
C SER B 226 20.10 -8.45 -9.86
N VAL B 227 19.99 -8.95 -8.63
CA VAL B 227 21.06 -8.81 -7.64
C VAL B 227 21.26 -10.11 -6.88
N PRO B 228 22.30 -10.87 -7.26
CA PRO B 228 22.59 -12.11 -6.51
C PRO B 228 22.85 -11.82 -5.05
N ALA B 229 22.54 -12.81 -4.22
CA ALA B 229 22.69 -12.68 -2.77
C ALA B 229 24.12 -12.30 -2.35
N SER B 230 25.11 -12.72 -3.14
CA SER B 230 26.51 -12.41 -2.84
C SER B 230 26.93 -10.94 -3.06
N VAL B 231 26.10 -10.16 -3.74
CA VAL B 231 26.51 -8.78 -4.04
C VAL B 231 26.55 -7.92 -2.78
N ALA B 232 25.63 -8.13 -1.85
CA ALA B 232 25.63 -7.32 -0.63
C ALA B 232 26.94 -7.47 0.13
N ALA B 233 27.42 -8.72 0.25
CA ALA B 233 28.70 -8.96 0.92
C ALA B 233 29.88 -8.33 0.17
N TYR B 234 29.82 -8.37 -1.17
CA TYR B 234 30.83 -7.71 -1.98
C TYR B 234 30.86 -6.18 -1.70
N LEU B 235 29.68 -5.55 -1.71
CA LEU B 235 29.61 -4.12 -1.41
C LEU B 235 30.18 -3.80 -0.04
N LYS B 236 29.79 -4.59 0.97
CA LYS B 236 30.32 -4.38 2.31
C LYS B 236 31.84 -4.55 2.35
N ALA B 237 32.33 -5.52 1.59
CA ALA B 237 33.78 -5.74 1.52
C ALA B 237 34.57 -4.60 0.86
N HIS B 238 33.94 -3.80 0.00
CA HIS B 238 34.73 -2.89 -0.81
C HIS B 238 34.40 -1.41 -0.67
N LEU B 239 33.23 -1.08 -0.15
CA LEU B 239 32.89 0.31 0.11
C LEU B 239 33.85 0.90 1.14
N GLY B 240 34.28 2.13 0.93
CA GLY B 240 35.30 2.72 1.76
C GLY B 240 34.86 3.18 3.14
N GLY B 241 33.56 3.27 3.37
CA GLY B 241 33.05 3.74 4.66
C GLY B 241 32.54 2.54 5.45
N ARG B 242 32.10 2.78 6.67
CA ARG B 242 31.52 1.72 7.48
C ARG B 242 30.19 1.23 6.92
N THR B 243 30.08 -0.06 6.64
CA THR B 243 28.92 -0.62 5.95
C THR B 243 28.31 -1.77 6.71
N THR B 244 26.99 -1.75 6.82
CA THR B 244 26.19 -2.84 7.38
C THR B 244 25.17 -3.35 6.38
N VAL B 245 24.99 -4.67 6.29
CA VAL B 245 23.90 -5.25 5.52
C VAL B 245 22.70 -5.49 6.43
N GLU B 246 21.55 -4.96 6.03
CA GLU B 246 20.29 -5.19 6.71
C GLU B 246 19.39 -6.10 5.88
N PHE B 247 18.73 -7.04 6.54
CA PHE B 247 17.97 -8.08 5.86
C PHE B 247 16.47 -7.94 6.04
N LEU B 248 15.76 -8.06 4.92
CA LEU B 248 14.30 -8.10 4.96
C LEU B 248 13.88 -9.51 4.63
N GLN B 249 13.02 -10.05 5.49
CA GLN B 249 12.42 -11.35 5.26
C GLN B 249 11.29 -11.18 4.27
N THR B 250 11.66 -10.88 3.03
CA THR B 250 10.68 -10.69 1.97
C THR B 250 11.39 -10.93 0.64
N GLU B 251 10.64 -11.33 -0.36
CA GLU B 251 11.21 -11.60 -1.68
C GLU B 251 11.03 -10.42 -2.63
N GLY B 252 12.07 -10.07 -3.38
CA GLY B 252 11.90 -9.13 -4.47
C GLY B 252 12.89 -7.98 -4.59
N HIS B 253 12.79 -7.30 -5.72
CA HIS B 253 13.66 -6.18 -6.07
C HIS B 253 13.12 -4.85 -5.58
N LEU B 254 11.82 -4.79 -5.26
CA LEU B 254 11.16 -3.51 -4.92
C LEU B 254 10.46 -3.54 -3.56
N PRO B 255 11.23 -3.73 -2.47
CA PRO B 255 10.59 -3.88 -1.16
C PRO B 255 9.87 -2.62 -0.73
N HIS B 256 10.21 -1.47 -1.31
CA HIS B 256 9.44 -0.27 -0.97
C HIS B 256 8.00 -0.34 -1.52
N LEU B 257 7.79 -1.08 -2.60
CA LEU B 257 6.43 -1.33 -3.12
C LEU B 257 5.75 -2.50 -2.45
N SER B 258 6.50 -3.57 -2.23
CA SER B 258 5.88 -4.83 -1.85
C SER B 258 5.94 -5.13 -0.34
N ALA B 259 6.87 -4.51 0.38
CA ALA B 259 6.97 -4.70 1.84
C ALA B 259 7.34 -3.41 2.56
N PRO B 260 6.52 -2.35 2.37
CA PRO B 260 6.95 -1.05 2.91
C PRO B 260 7.06 -1.04 4.42
N SER B 261 6.19 -1.76 5.13
CA SER B 261 6.32 -1.84 6.60
C SER B 261 7.67 -2.37 7.05
N LEU B 262 8.10 -3.46 6.42
CA LEU B 262 9.37 -4.08 6.79
C LEU B 262 10.52 -3.15 6.40
N LEU B 263 10.44 -2.57 5.20
CA LEU B 263 11.51 -1.68 4.79
C LEU B 263 11.58 -0.46 5.71
N ALA B 264 10.45 0.06 6.15
CA ALA B 264 10.44 1.24 7.00
C ALA B 264 11.21 1.05 8.31
N GLN B 265 11.13 -0.15 8.88
CA GLN B 265 11.88 -0.40 10.11
C GLN B 265 13.37 -0.26 9.89
N VAL B 266 13.85 -0.78 8.76
CA VAL B 266 15.26 -0.66 8.44
C VAL B 266 15.60 0.80 8.16
N LEU B 267 14.75 1.50 7.42
CA LEU B 267 15.05 2.89 7.10
C LEU B 267 15.08 3.77 8.35
N ARG B 268 14.15 3.57 9.27
CA ARG B 268 14.13 4.43 10.45
C ARG B 268 15.37 4.19 11.32
N ARG B 269 15.81 2.93 11.41
CA ARG B 269 17.06 2.63 12.11
C ARG B 269 18.26 3.32 11.45
N ALA B 270 18.31 3.26 10.13
CA ALA B 270 19.44 3.79 9.38
C ALA B 270 19.51 5.31 9.41
N LEU B 271 18.36 5.94 9.61
CA LEU B 271 18.25 7.38 9.45
C LEU B 271 18.02 8.10 10.78
N ALA B 272 18.22 7.38 11.89
CA ALA B 272 17.98 7.94 13.22
C ALA B 272 19.04 8.96 13.62
N ARG B 273 20.29 8.68 13.25
CA ARG B 273 21.40 9.57 13.54
C ARG B 273 22.45 9.47 12.43
N TYR B 274 22.88 10.62 11.91
CA TYR B 274 23.94 10.63 10.91
C TYR B 274 24.55 12.01 10.74
#